data_5A8X
#
_entry.id   5A8X
#
_cell.length_a   73.795
_cell.length_b   73.795
_cell.length_c   70.010
_cell.angle_alpha   90.00
_cell.angle_beta   90.00
_cell.angle_gamma   120.00
#
_symmetry.space_group_name_H-M   'P 63'
#
loop_
_entity.id
_entity.type
_entity.pdbx_description
1 polymer 'Neutrophil elastase'
2 branched alpha-L-fucopyranose-(1-6)-2-acetamido-2-deoxy-beta-D-glucopyranose
3 non-polymer 2-acetamido-2-deoxy-beta-D-glucopyranose
4 non-polymer 'ethyl (5R)-5-(4-cyanophenyl)-7-methyl-8-[3-(trifluoromethyl)phenyl]-1,5-dihydroimidazo[1,2-a]pyrimidin-4-ium-6-carboxylate'
5 water water
#
_entity_poly.entity_id   1
_entity_poly.type   'polypeptide(L)'
_entity_poly.pdbx_seq_one_letter_code
;IVGGRRARPHAWPFMVSLQLRGGHFCGATLIAPNFVMSAAHCVANVNVRAVRVVLGAHNLSRREPTRQVFAVQRIFENGY
DPVNLLNDIVILQLNGSATINANVQVAQLPAQGRRLGNGVQCLAMGWGLLGRNRGIASVLQELNVTVVTSLCRRSNVCTL
VRGRQAGVCFGDSGSPLVCNGLIHGIASFVRGGCASGLYPDAFAPVAQFVNWIDSIIQ
;
_entity_poly.pdbx_strand_id   A
#
loop_
_chem_comp.id
_chem_comp.type
_chem_comp.name
_chem_comp.formula
FUC L-saccharide, alpha linking alpha-L-fucopyranose 'C6 H12 O5'
IUY non-polymer 'ethyl (5R)-5-(4-cyanophenyl)-7-methyl-8-[3-(trifluoromethyl)phenyl]-1,5-dihydroimidazo[1,2-a]pyrimidin-4-ium-6-carboxylate' 'C24 H20 F3 N4 O2 1'
NAG D-saccharide, beta linking 2-acetamido-2-deoxy-beta-D-glucopyranose 'C8 H15 N O6'
#
# COMPACT_ATOMS: atom_id res chain seq x y z
N ILE A 1 -5.23 -9.43 3.49
CA ILE A 1 -4.24 -9.89 4.50
C ILE A 1 -4.65 -11.25 5.08
N VAL A 2 -3.79 -12.25 4.91
CA VAL A 2 -4.00 -13.59 5.46
C VAL A 2 -3.23 -13.78 6.77
N GLY A 3 -3.96 -14.18 7.83
CA GLY A 3 -3.36 -14.46 9.14
C GLY A 3 -3.01 -13.22 9.94
N GLY A 4 -3.60 -12.08 9.55
CA GLY A 4 -3.41 -10.82 10.26
C GLY A 4 -4.46 -10.61 11.33
N ARG A 5 -4.70 -9.33 11.66
CA ARG A 5 -5.65 -8.95 12.69
C ARG A 5 -6.30 -7.64 12.29
N ARG A 6 -7.43 -7.34 12.91
CA ARG A 6 -8.07 -6.05 12.76
C ARG A 6 -7.23 -4.94 13.34
N ALA A 7 -7.14 -3.84 12.59
CA ALA A 7 -6.49 -2.64 13.08
C ALA A 7 -7.46 -1.89 14.00
N ARG A 8 -6.93 -1.23 15.02
CA ARG A 8 -7.67 -0.25 15.79
C ARG A 8 -8.22 0.80 14.80
N PRO A 9 -9.49 1.20 14.95
CA PRO A 9 -10.02 2.15 14.00
C PRO A 9 -9.07 3.36 13.87
N HIS A 10 -8.78 3.74 12.63
CA HIS A 10 -7.98 4.92 12.31
C HIS A 10 -6.58 4.94 12.93
N ALA A 11 -6.02 3.77 13.21
CA ALA A 11 -4.64 3.68 13.69
C ALA A 11 -3.66 4.10 12.62
N TRP A 12 -4.07 3.98 11.35
CA TRP A 12 -3.20 4.27 10.20
C TRP A 12 -3.85 5.29 9.23
N PRO A 13 -3.88 6.59 9.62
CA PRO A 13 -4.68 7.56 8.89
C PRO A 13 -4.15 7.95 7.50
N PHE A 14 -2.99 7.40 7.13
CA PHE A 14 -2.44 7.56 5.79
C PHE A 14 -2.98 6.48 4.84
N MET A 15 -3.69 5.51 5.38
CA MET A 15 -4.13 4.34 4.63
C MET A 15 -5.36 4.65 3.81
N VAL A 16 -5.28 4.34 2.53
CA VAL A 16 -6.27 4.79 1.54
C VAL A 16 -6.90 3.58 0.83
N SER A 17 -8.19 3.70 0.49
CA SER A 17 -8.88 2.66 -0.26
C SER A 17 -9.18 3.16 -1.67
N LEU A 18 -8.73 2.44 -2.68
CA LEU A 18 -9.01 2.79 -4.08
C LEU A 18 -10.19 1.96 -4.53
N GLN A 19 -11.20 2.62 -5.08
CA GLN A 19 -12.51 1.97 -5.30
C GLN A 19 -13.07 2.22 -6.68
N LEU A 20 -13.76 1.22 -7.23
CA LEU A 20 -14.59 1.40 -8.44
C LEU A 20 -16.03 1.16 -8.03
N ARG A 21 -16.96 1.84 -8.69
CA ARG A 21 -18.38 1.76 -8.32
C ARG A 21 -18.61 1.21 -6.91
N GLY A 22 -17.94 1.83 -5.92
CA GLY A 22 -18.16 1.53 -4.49
C GLY A 22 -17.41 0.33 -3.91
N GLY A 23 -16.66 -0.39 -4.74
CA GLY A 23 -15.96 -1.58 -4.29
C GLY A 23 -14.47 -1.38 -4.31
N HIS A 24 -13.83 -1.68 -3.18
CA HIS A 24 -12.37 -1.73 -3.06
C HIS A 24 -11.72 -2.65 -4.11
N PHE A 25 -10.67 -2.15 -4.77
CA PHE A 25 -9.81 -3.03 -5.58
C PHE A 25 -8.31 -2.95 -5.23
N CYS A 26 -7.90 -1.90 -4.51
CA CYS A 26 -6.50 -1.66 -4.18
C CYS A 26 -6.33 -0.69 -3.02
N GLY A 27 -5.17 -0.76 -2.37
CA GLY A 27 -4.78 0.18 -1.33
C GLY A 27 -3.96 1.32 -1.93
N ALA A 28 -3.65 2.30 -1.09
CA ALA A 28 -2.80 3.43 -1.45
C ALA A 28 -2.35 4.09 -0.16
N THR A 29 -1.49 5.09 -0.29
CA THR A 29 -0.92 5.75 0.89
C THR A 29 -1.03 7.24 0.63
N LEU A 30 -1.60 7.95 1.58
CA LEU A 30 -1.68 9.41 1.46
C LEU A 30 -0.30 10.02 1.72
N ILE A 31 0.28 10.65 0.70
CA ILE A 31 1.66 11.16 0.86
C ILE A 31 1.75 12.68 0.93
N ALA A 32 0.64 13.36 0.64
CA ALA A 32 0.50 14.80 0.73
C ALA A 32 -1.00 15.08 0.68
N PRO A 33 -1.45 16.27 1.11
CA PRO A 33 -2.88 16.58 1.08
C PRO A 33 -3.58 16.20 -0.25
N ASN A 34 -2.91 16.40 -1.39
CA ASN A 34 -3.52 16.13 -2.69
C ASN A 34 -2.84 15.07 -3.55
N PHE A 35 -2.14 14.13 -2.91
CA PHE A 35 -1.45 13.04 -3.59
C PHE A 35 -1.53 11.75 -2.77
N VAL A 36 -1.83 10.64 -3.45
CA VAL A 36 -1.63 9.31 -2.87
C VAL A 36 -0.63 8.55 -3.73
N MET A 37 0.06 7.58 -3.14
CA MET A 37 0.83 6.66 -3.97
C MET A 37 0.33 5.23 -3.83
N SER A 38 0.32 4.53 -4.95
CA SER A 38 -0.11 3.14 -5.01
C SER A 38 0.85 2.33 -5.88
N ALA A 39 0.47 1.08 -6.16
CA ALA A 39 1.21 0.20 -7.06
C ALA A 39 0.73 0.48 -8.46
N ALA A 40 1.67 0.52 -9.40
CA ALA A 40 1.38 0.78 -10.81
C ALA A 40 0.43 -0.29 -11.38
N HIS A 41 0.59 -1.54 -10.95
CA HIS A 41 -0.30 -2.61 -11.43
C HIS A 41 -1.78 -2.44 -11.04
N CYS A 42 -2.05 -1.69 -9.97
CA CYS A 42 -3.43 -1.37 -9.56
C CYS A 42 -4.24 -0.64 -10.65
N VAL A 43 -3.59 0.26 -11.36
CA VAL A 43 -4.23 1.16 -12.29
C VAL A 43 -4.00 0.82 -13.77
N ALA A 44 -3.20 -0.21 -14.04
CA ALA A 44 -2.95 -0.64 -15.40
C ALA A 44 -4.20 -1.35 -15.91
N ASN A 45 -4.72 -0.91 -17.05
CA ASN A 45 -5.99 -1.44 -17.62
C ASN A 45 -7.24 -1.00 -16.88
N VAL A 46 -7.08 -0.05 -15.97
CA VAL A 46 -8.20 0.60 -15.30
C VAL A 46 -8.35 2.02 -15.84
N ASN A 47 -9.58 2.44 -16.08
CA ASN A 47 -9.90 3.83 -16.40
C ASN A 47 -9.93 4.61 -15.09
N VAL A 48 -8.93 5.47 -14.92
CA VAL A 48 -8.74 6.22 -13.67
C VAL A 48 -9.85 7.24 -13.38
N ARG A 49 -10.52 7.71 -14.43
CA ARG A 49 -11.64 8.64 -14.30
C ARG A 49 -12.78 8.01 -13.50
N ALA A 50 -12.72 6.68 -13.34
CA ALA A 50 -13.74 5.91 -12.65
C ALA A 50 -13.35 5.64 -11.19
N VAL A 51 -12.06 5.78 -10.90
CA VAL A 51 -11.51 5.49 -9.56
C VAL A 51 -11.92 6.55 -8.53
N ARG A 52 -12.45 6.07 -7.41
CA ARG A 52 -12.70 6.90 -6.24
C ARG A 52 -11.60 6.64 -5.21
N VAL A 53 -11.05 7.72 -4.66
CA VAL A 53 -9.99 7.63 -3.68
C VAL A 53 -10.57 7.93 -2.31
N VAL A 54 -10.50 6.95 -1.41
CA VAL A 54 -11.22 7.03 -0.12
C VAL A 54 -10.25 7.13 1.06
N LEU A 55 -10.23 8.31 1.68
CA LEU A 55 -9.41 8.55 2.85
C LEU A 55 -10.29 8.41 4.08
N GLY A 56 -9.69 8.11 5.22
CA GLY A 56 -10.44 8.05 6.48
C GLY A 56 -11.38 6.88 6.69
N ALA A 57 -11.19 5.81 5.92
CA ALA A 57 -12.05 4.61 6.04
C ALA A 57 -11.56 3.61 7.10
N HIS A 58 -12.46 2.78 7.61
CA HIS A 58 -12.06 1.68 8.49
C HIS A 58 -12.81 0.41 8.17
N ASN A 59 -14.13 0.49 8.26
CA ASN A 59 -15.01 -0.59 7.89
C ASN A 59 -15.65 -0.23 6.56
N LEU A 60 -15.21 -0.90 5.50
CA LEU A 60 -15.72 -0.62 4.16
C LEU A 60 -17.18 -1.05 3.95
N SER A 61 -17.71 -1.85 4.87
CA SER A 61 -19.08 -2.37 4.79
C SER A 61 -20.07 -1.45 5.51
N ARG A 62 -19.54 -0.43 6.17
CA ARG A 62 -20.31 0.49 6.99
C ARG A 62 -20.29 1.89 6.36
N ARG A 63 -21.32 2.68 6.66
CA ARG A 63 -21.36 4.09 6.25
C ARG A 63 -20.51 4.86 7.27
N GLU A 64 -19.52 5.60 6.79
CA GLU A 64 -18.58 6.24 7.70
C GLU A 64 -18.42 7.73 7.41
N PRO A 65 -18.85 8.60 8.36
CA PRO A 65 -18.74 10.05 8.21
C PRO A 65 -17.28 10.55 8.17
N THR A 66 -16.38 9.79 8.79
CA THR A 66 -14.94 10.10 8.82
C THR A 66 -14.26 10.18 7.44
N ARG A 67 -14.95 9.70 6.40
CA ARG A 67 -14.37 9.54 5.06
C ARG A 67 -14.33 10.81 4.23
N GLN A 68 -13.30 10.91 3.41
CA GLN A 68 -13.20 11.96 2.39
C GLN A 68 -12.96 11.29 1.04
N VAL A 69 -13.71 11.69 0.02
CA VAL A 69 -13.67 11.00 -1.26
C VAL A 69 -13.16 11.94 -2.37
N PHE A 70 -12.18 11.48 -3.13
CA PHE A 70 -11.64 12.26 -4.25
C PHE A 70 -11.64 11.50 -5.57
N ALA A 71 -11.54 12.26 -6.66
CA ALA A 71 -11.27 11.71 -7.98
C ALA A 71 -9.77 11.86 -8.28
N VAL A 72 -9.30 11.17 -9.31
CA VAL A 72 -7.92 11.26 -9.73
C VAL A 72 -7.83 12.33 -10.81
N GLN A 73 -7.04 13.34 -10.54
CA GLN A 73 -6.83 14.44 -11.48
C GLN A 73 -5.77 14.08 -12.54
N ARG A 74 -4.71 13.41 -12.10
CA ARG A 74 -3.53 13.15 -12.93
C ARG A 74 -2.81 11.96 -12.33
N ILE A 75 -2.10 11.20 -13.16
CA ILE A 75 -1.25 10.11 -12.65
C ILE A 75 0.19 10.32 -13.08
N PHE A 76 1.12 9.91 -12.23
CA PHE A 76 2.56 9.94 -12.52
C PHE A 76 3.14 8.54 -12.35
N GLU A 77 3.87 8.06 -13.34
CA GLU A 77 4.49 6.75 -13.25
C GLU A 77 5.98 6.87 -13.42
N ASN A 78 6.70 5.78 -13.19
CA ASN A 78 8.15 5.80 -13.11
C ASN A 78 8.73 4.52 -13.73
N GLY A 79 8.28 4.20 -14.94
CA GLY A 79 8.86 3.09 -15.70
C GLY A 79 8.39 1.72 -15.23
N TYR A 80 7.11 1.64 -14.85
CA TYR A 80 6.41 0.38 -14.55
C TYR A 80 6.73 -0.70 -15.59
N ASP A 81 7.29 -1.81 -15.14
CA ASP A 81 7.70 -2.89 -16.02
C ASP A 81 7.07 -4.18 -15.52
N PRO A 82 5.86 -4.51 -16.01
CA PRO A 82 5.13 -5.72 -15.57
C PRO A 82 5.78 -7.06 -15.94
N VAL A 83 6.58 -7.10 -17.01
CA VAL A 83 7.32 -8.31 -17.40
C VAL A 83 8.33 -8.68 -16.32
N ASN A 84 9.07 -7.68 -15.85
CA ASN A 84 10.11 -7.91 -14.84
C ASN A 84 9.62 -7.65 -13.41
N LEU A 85 8.39 -7.15 -13.31
CA LEU A 85 7.73 -6.80 -12.03
C LEU A 85 8.53 -5.74 -11.28
N LEU A 86 8.88 -4.67 -12.01
CA LEU A 86 9.78 -3.63 -11.51
C LEU A 86 9.12 -2.28 -11.59
N ASN A 87 9.62 -1.35 -10.77
CA ASN A 87 9.11 0.02 -10.70
C ASN A 87 7.59 0.09 -10.48
N ASP A 88 7.10 -0.70 -9.53
CA ASP A 88 5.66 -0.85 -9.33
C ASP A 88 5.15 0.27 -8.45
N ILE A 89 5.24 1.49 -8.96
CA ILE A 89 4.81 2.65 -8.20
C ILE A 89 4.05 3.61 -9.10
N VAL A 90 3.03 4.23 -8.53
CA VAL A 90 2.26 5.24 -9.24
C VAL A 90 1.84 6.32 -8.24
N ILE A 91 1.93 7.59 -8.64
CA ILE A 91 1.37 8.65 -7.81
C ILE A 91 0.10 9.16 -8.47
N LEU A 92 -0.97 9.25 -7.68
CA LEU A 92 -2.26 9.76 -8.15
C LEU A 92 -2.54 11.11 -7.50
N GLN A 93 -2.57 12.14 -8.33
CA GLN A 93 -2.88 13.49 -7.90
C GLN A 93 -4.38 13.63 -7.80
N LEU A 94 -4.85 14.15 -6.67
CA LEU A 94 -6.29 14.20 -6.36
C LEU A 94 -6.93 15.47 -6.91
N ASN A 95 -8.25 15.43 -7.12
CA ASN A 95 -8.99 16.58 -7.64
C ASN A 95 -9.13 17.73 -6.62
N GLY A 96 -8.62 17.52 -5.41
CA GLY A 96 -8.67 18.49 -4.31
C GLY A 96 -7.67 18.11 -3.22
N SER A 97 -7.73 18.80 -2.08
CA SER A 97 -6.81 18.56 -0.97
C SER A 97 -7.53 17.96 0.22
N ALA A 98 -6.94 16.91 0.79
CA ALA A 98 -7.43 16.27 2.00
C ALA A 98 -7.48 17.27 3.16
N THR A 99 -8.52 17.15 3.98
CA THR A 99 -8.58 17.87 5.25
C THR A 99 -7.85 17.03 6.27
N ILE A 100 -6.66 17.46 6.67
CA ILE A 100 -5.87 16.68 7.62
C ILE A 100 -6.49 16.79 9.02
N ASN A 101 -6.91 15.66 9.56
CA ASN A 101 -7.46 15.58 10.90
C ASN A 101 -6.96 14.34 11.63
N ALA A 102 -7.70 13.88 12.64
CA ALA A 102 -7.33 12.67 13.39
C ALA A 102 -7.29 11.43 12.50
N ASN A 103 -8.24 11.34 11.57
CA ASN A 103 -8.50 10.16 10.74
C ASN A 103 -7.87 10.17 9.34
N VAL A 104 -7.27 11.30 8.97
CA VAL A 104 -6.70 11.50 7.65
C VAL A 104 -5.38 12.24 7.82
N GLN A 105 -4.27 11.51 7.69
CA GLN A 105 -2.94 12.08 7.86
C GLN A 105 -1.98 11.66 6.76
N VAL A 106 -0.95 12.46 6.57
CA VAL A 106 0.06 12.25 5.56
C VAL A 106 1.16 11.35 6.14
N ALA A 107 1.63 10.39 5.37
CA ALA A 107 2.61 9.42 5.84
C ALA A 107 4.01 10.00 5.80
N GLN A 108 4.92 9.41 6.59
CA GLN A 108 6.33 9.76 6.58
C GLN A 108 7.11 8.75 5.77
N LEU A 109 7.97 9.25 4.89
CA LEU A 109 8.74 8.40 4.00
C LEU A 109 10.20 8.39 4.42
N PRO A 110 10.95 7.33 4.03
CA PRO A 110 12.37 7.29 4.34
C PRO A 110 13.18 8.26 3.46
N ALA A 111 14.48 8.36 3.73
CA ALA A 111 15.37 9.15 2.93
C ALA A 111 15.68 8.32 1.71
N GLN A 112 16.00 8.99 0.60
CA GLN A 112 16.42 8.32 -0.64
C GLN A 112 17.56 7.35 -0.40
N GLY A 113 17.45 6.15 -0.95
CA GLY A 113 18.48 5.12 -0.87
C GLY A 113 18.55 4.34 0.44
N ARG A 114 17.74 4.72 1.43
CA ARG A 114 17.76 4.07 2.75
C ARG A 114 17.41 2.59 2.68
N ARG A 115 18.28 1.75 3.23
CA ARG A 115 18.09 0.30 3.10
C ARG A 115 17.67 -0.33 4.42
N LEU A 116 16.91 -1.42 4.32
CA LEU A 116 16.49 -2.17 5.50
C LEU A 116 17.24 -3.49 5.66
N GLY A 117 17.86 -3.69 6.82
CA GLY A 117 18.57 -4.93 7.12
C GLY A 117 17.67 -6.15 7.26
N ASN A 118 18.21 -7.33 6.97
CA ASN A 118 17.50 -8.60 7.23
C ASN A 118 17.02 -8.58 8.68
N GLY A 119 15.74 -8.81 8.90
CA GLY A 119 15.24 -8.94 10.27
C GLY A 119 14.59 -7.72 10.86
N VAL A 120 14.53 -6.62 10.10
CA VAL A 120 13.71 -5.47 10.48
C VAL A 120 12.24 -5.95 10.57
N GLN A 121 11.56 -5.49 11.61
CA GLN A 121 10.16 -5.83 11.85
C GLN A 121 9.31 -4.74 11.27
N CYS A 122 8.44 -5.11 10.34
CA CYS A 122 7.54 -4.16 9.73
C CYS A 122 6.09 -4.55 9.98
N LEU A 123 5.19 -3.66 9.59
CA LEU A 123 3.77 -3.94 9.54
C LEU A 123 3.22 -3.80 8.11
N ALA A 124 2.68 -4.90 7.58
CA ALA A 124 1.85 -4.87 6.40
C ALA A 124 0.39 -4.60 6.79
N MET A 125 -0.40 -4.13 5.84
CA MET A 125 -1.83 -3.82 6.10
C MET A 125 -2.59 -3.76 4.79
N GLY A 126 -3.91 -3.82 4.88
CA GLY A 126 -4.78 -3.70 3.73
C GLY A 126 -6.18 -4.27 3.92
N TRP A 127 -7.01 -4.05 2.90
CA TRP A 127 -8.39 -4.52 2.87
C TRP A 127 -8.57 -5.71 1.92
N GLY A 128 -7.50 -6.44 1.66
CA GLY A 128 -7.55 -7.57 0.74
C GLY A 128 -8.14 -8.85 1.29
N LEU A 129 -8.08 -9.91 0.46
CA LEU A 129 -8.60 -11.22 0.81
C LEU A 129 -8.02 -11.73 2.11
N LEU A 130 -8.91 -12.32 2.91
CA LEU A 130 -8.57 -12.86 4.22
C LEU A 130 -8.04 -14.30 4.16
N GLY A 131 -8.13 -14.93 2.98
CA GLY A 131 -7.67 -16.31 2.78
C GLY A 131 -8.48 -17.03 1.70
N GLY A 135 -13.55 -14.41 3.30
CA GLY A 135 -13.74 -13.60 2.09
C GLY A 135 -12.78 -12.43 2.01
N ILE A 136 -13.23 -11.31 1.45
CA ILE A 136 -12.50 -10.03 1.48
C ILE A 136 -12.77 -9.30 2.82
N ALA A 137 -11.86 -8.42 3.23
CA ALA A 137 -11.95 -7.76 4.54
C ALA A 137 -12.97 -6.62 4.53
N SER A 138 -13.75 -6.52 5.59
CA SER A 138 -14.55 -5.32 5.84
C SER A 138 -13.74 -4.31 6.64
N VAL A 139 -13.06 -4.79 7.66
CA VAL A 139 -12.29 -3.92 8.54
C VAL A 139 -10.83 -3.98 8.10
N LEU A 140 -10.15 -2.84 8.13
CA LEU A 140 -8.71 -2.81 7.83
C LEU A 140 -7.94 -3.80 8.72
N GLN A 141 -7.12 -4.62 8.06
CA GLN A 141 -6.28 -5.63 8.71
C GLN A 141 -4.84 -5.17 8.71
N GLU A 142 -4.10 -5.60 9.74
CA GLU A 142 -2.66 -5.42 9.84
C GLU A 142 -1.97 -6.74 10.18
N LEU A 143 -0.68 -6.77 9.93
CA LEU A 143 0.11 -7.98 10.07
C LEU A 143 1.57 -7.67 10.32
N ASN A 144 2.13 -8.34 11.31
CA ASN A 144 3.56 -8.33 11.59
C ASN A 144 4.33 -9.17 10.59
N VAL A 145 5.26 -8.53 9.89
CA VAL A 145 6.12 -9.23 8.94
C VAL A 145 7.59 -8.85 9.18
N THR A 146 8.49 -9.71 8.71
CA THR A 146 9.93 -9.53 8.86
C THR A 146 10.61 -9.38 7.51
N VAL A 147 11.47 -8.38 7.36
CA VAL A 147 12.26 -8.17 6.12
C VAL A 147 13.28 -9.30 5.92
N VAL A 148 13.34 -9.83 4.70
CA VAL A 148 14.24 -10.92 4.35
C VAL A 148 14.93 -10.63 3.02
N THR A 149 16.04 -11.32 2.77
CA THR A 149 16.76 -11.20 1.50
C THR A 149 16.82 -12.51 0.70
N SER A 150 16.74 -13.65 1.38
CA SER A 150 16.64 -14.95 0.70
C SER A 150 15.40 -14.99 -0.17
N LEU A 151 15.57 -15.41 -1.43
CA LEU A 151 14.50 -15.42 -2.44
C LEU A 151 13.95 -14.01 -2.83
N CYS A 152 14.68 -12.95 -2.47
CA CYS A 152 14.35 -11.57 -2.87
C CYS A 152 15.31 -11.03 -3.97
N ARG A 153 15.17 -9.75 -4.34
CA ARG A 153 16.12 -9.00 -5.17
C ARG A 153 16.41 -7.63 -4.57
N ARG A 154 17.48 -6.98 -5.04
CA ARG A 154 17.84 -5.62 -4.63
C ARG A 154 16.78 -4.57 -5.02
N SER A 155 15.93 -4.91 -5.98
CA SER A 155 14.95 -3.98 -6.50
C SER A 155 13.56 -4.17 -5.87
N ASN A 156 13.51 -4.92 -4.79
CA ASN A 156 12.28 -5.09 -4.02
C ASN A 156 12.62 -5.10 -2.57
N VAL A 157 11.67 -4.73 -1.72
CA VAL A 157 11.71 -5.07 -0.31
C VAL A 157 10.85 -6.33 -0.17
N CYS A 158 11.41 -7.40 0.38
CA CYS A 158 10.62 -8.62 0.60
C CYS A 158 10.46 -8.89 2.08
N THR A 159 9.33 -9.51 2.43
CA THR A 159 9.00 -9.80 3.82
C THR A 159 8.46 -11.21 3.96
N LEU A 160 8.60 -11.76 5.17
CA LEU A 160 8.12 -13.09 5.46
C LEU A 160 7.65 -13.19 6.90
N VAL A 161 6.53 -13.90 7.08
CA VAL A 161 6.09 -14.33 8.41
C VAL A 161 6.59 -15.75 8.62
N ARG A 162 7.33 -15.94 9.71
CA ARG A 162 7.96 -17.22 10.04
C ARG A 162 7.14 -18.01 11.04
N GLY A 163 7.14 -19.33 10.92
CA GLY A 163 6.44 -20.18 11.87
C GLY A 163 4.96 -20.38 11.61
N ARG A 164 4.48 -19.79 10.52
CA ARG A 164 3.07 -19.89 10.10
C ARG A 164 2.85 -19.32 8.68
N GLN A 165 1.70 -19.61 8.10
CA GLN A 165 1.36 -19.14 6.78
C GLN A 165 0.50 -17.88 6.92
N ALA A 166 1.13 -16.72 6.70
CA ALA A 166 0.48 -15.41 6.75
C ALA A 166 1.14 -14.54 5.71
N GLY A 167 0.44 -13.52 5.22
CA GLY A 167 0.97 -12.64 4.18
C GLY A 167 -0.09 -11.74 3.53
N VAL A 168 0.35 -10.90 2.60
CA VAL A 168 -0.58 -10.05 1.83
C VAL A 168 -1.29 -10.92 0.77
N CYS A 169 -2.40 -10.42 0.24
CA CYS A 169 -3.17 -11.14 -0.75
C CYS A 169 -3.85 -10.19 -1.71
N PHE A 170 -4.73 -10.73 -2.55
CA PHE A 170 -5.40 -9.95 -3.58
C PHE A 170 -6.26 -8.88 -2.93
N GLY A 171 -6.11 -7.64 -3.43
CA GLY A 171 -6.76 -6.48 -2.81
C GLY A 171 -5.86 -5.71 -1.87
N ASP A 172 -4.72 -6.30 -1.47
CA ASP A 172 -3.72 -5.58 -0.67
C ASP A 172 -2.73 -4.79 -1.50
N SER A 173 -2.73 -5.06 -2.80
CA SER A 173 -1.90 -4.35 -3.77
C SER A 173 -1.95 -2.84 -3.55
N GLY A 174 -0.80 -2.18 -3.57
CA GLY A 174 -0.72 -0.72 -3.47
C GLY A 174 -0.62 -0.23 -2.03
N SER A 175 -0.88 -1.12 -1.08
CA SER A 175 -0.96 -0.74 0.31
C SER A 175 0.46 -0.47 0.89
N PRO A 176 0.55 0.39 1.92
CA PRO A 176 1.88 0.59 2.54
C PRO A 176 2.41 -0.61 3.33
N LEU A 177 3.74 -0.66 3.41
CA LEU A 177 4.48 -1.41 4.42
C LEU A 177 5.20 -0.38 5.32
N VAL A 178 4.94 -0.46 6.63
CA VAL A 178 5.43 0.54 7.58
C VAL A 178 6.53 -0.07 8.41
N CYS A 179 7.73 0.52 8.34
CA CYS A 179 8.89 -0.02 9.03
C CYS A 179 9.55 1.10 9.78
N ASN A 180 9.59 0.96 11.11
CA ASN A 180 10.19 1.95 11.97
C ASN A 180 9.50 3.29 11.79
N GLY A 181 8.17 3.26 11.59
CA GLY A 181 7.34 4.45 11.42
C GLY A 181 7.40 5.11 10.04
N LEU A 182 8.07 4.47 9.09
CA LEU A 182 8.19 5.06 7.75
C LEU A 182 7.60 4.13 6.69
N ILE A 183 7.03 4.70 5.64
CA ILE A 183 6.53 3.87 4.54
C ILE A 183 7.70 3.39 3.69
N HIS A 184 8.09 2.14 3.91
CA HIS A 184 9.20 1.53 3.17
C HIS A 184 8.79 0.66 1.99
N GLY A 185 7.52 0.32 1.89
CA GLY A 185 7.10 -0.54 0.79
C GLY A 185 5.74 -0.18 0.26
N ILE A 186 5.48 -0.56 -0.98
CA ILE A 186 4.13 -0.61 -1.58
C ILE A 186 3.90 -2.07 -2.00
N ALA A 187 2.87 -2.73 -1.45
CA ALA A 187 2.60 -4.14 -1.78
C ALA A 187 2.50 -4.37 -3.29
N SER A 188 3.42 -5.20 -3.79
CA SER A 188 3.62 -5.41 -5.22
C SER A 188 3.29 -6.83 -5.70
N PHE A 189 3.88 -7.87 -5.09
CA PHE A 189 3.61 -9.23 -5.59
C PHE A 189 3.87 -10.41 -4.67
N VAL A 190 3.09 -11.47 -4.90
CA VAL A 190 3.24 -12.72 -4.17
C VAL A 190 3.69 -13.86 -5.10
N ARG A 191 4.35 -14.86 -4.53
CA ARG A 191 4.74 -16.05 -5.28
C ARG A 191 4.29 -17.25 -4.47
N GLY A 192 3.90 -18.32 -5.16
CA GLY A 192 3.40 -19.52 -4.50
C GLY A 192 1.99 -19.34 -3.94
N GLY A 193 1.24 -18.43 -4.55
CA GLY A 193 -0.04 -17.99 -4.01
C GLY A 193 0.14 -17.16 -2.73
N CYS A 194 -0.97 -16.69 -2.15
CA CYS A 194 -0.92 -15.92 -0.92
C CYS A 194 -0.51 -16.80 0.26
N ALA A 195 0.26 -16.24 1.18
CA ALA A 195 0.58 -16.89 2.45
C ALA A 195 1.17 -18.31 2.26
N SER A 196 2.12 -18.44 1.33
CA SER A 196 2.72 -19.75 1.00
C SER A 196 3.54 -20.35 2.15
N GLY A 197 4.14 -19.49 2.97
CA GLY A 197 5.09 -19.93 3.99
C GLY A 197 6.45 -20.27 3.40
N LEU A 198 6.62 -20.04 2.10
CA LEU A 198 7.90 -20.33 1.43
C LEU A 198 8.50 -19.07 0.80
N TYR A 199 7.72 -18.44 -0.08
CA TYR A 199 8.15 -17.23 -0.75
C TYR A 199 7.76 -15.96 0.00
N PRO A 200 8.75 -15.09 0.23
CA PRO A 200 8.52 -13.79 0.84
C PRO A 200 7.62 -12.94 -0.03
N ASP A 201 6.83 -12.06 0.59
CA ASP A 201 6.02 -11.11 -0.15
C ASP A 201 6.94 -10.03 -0.73
N ALA A 202 6.61 -9.47 -1.89
CA ALA A 202 7.47 -8.47 -2.48
C ALA A 202 6.75 -7.12 -2.59
N PHE A 203 7.45 -6.07 -2.15
CA PHE A 203 6.98 -4.68 -2.11
C PHE A 203 7.89 -3.78 -2.99
N ALA A 204 7.32 -2.79 -3.68
CA ALA A 204 8.14 -1.74 -4.33
C ALA A 204 8.98 -0.97 -3.28
N PRO A 205 10.29 -0.76 -3.54
CA PRO A 205 11.14 -0.20 -2.51
C PRO A 205 11.04 1.32 -2.50
N VAL A 206 10.13 1.83 -1.68
CA VAL A 206 9.80 3.26 -1.64
C VAL A 206 11.01 4.16 -1.49
N ALA A 207 12.03 3.73 -0.74
CA ALA A 207 13.27 4.51 -0.56
C ALA A 207 14.01 4.77 -1.87
N GLN A 208 13.86 3.87 -2.86
CA GLN A 208 14.53 4.07 -4.13
C GLN A 208 13.87 5.14 -4.98
N PHE A 209 12.63 5.47 -4.65
CA PHE A 209 11.85 6.41 -5.45
C PHE A 209 11.61 7.76 -4.76
N VAL A 210 12.34 8.02 -3.67
CA VAL A 210 12.08 9.21 -2.83
C VAL A 210 12.35 10.54 -3.55
N ASN A 211 13.50 10.68 -4.21
CA ASN A 211 13.77 11.87 -5.03
C ASN A 211 12.67 12.13 -6.08
N TRP A 212 12.25 11.08 -6.76
CA TRP A 212 11.14 11.18 -7.75
C TRP A 212 9.82 11.61 -7.09
N ILE A 213 9.44 10.92 -6.01
CA ILE A 213 8.26 11.29 -5.23
C ILE A 213 8.26 12.77 -4.80
N ASP A 214 9.40 13.28 -4.33
CA ASP A 214 9.47 14.65 -3.82
C ASP A 214 9.36 15.65 -4.95
N SER A 215 9.93 15.32 -6.11
CA SER A 215 9.86 16.24 -7.26
C SER A 215 8.41 16.45 -7.73
N ILE A 216 7.57 15.46 -7.48
CA ILE A 216 6.17 15.54 -7.86
C ILE A 216 5.31 16.23 -6.81
N ILE A 217 5.45 15.82 -5.55
CA ILE A 217 4.66 16.40 -4.47
C ILE A 217 5.22 17.72 -3.94
N GLN A 218 6.56 17.85 -3.92
CA GLN A 218 7.30 19.07 -3.50
C GLN A 218 8.47 18.78 -2.53
C1 NAG B . 4.39 -6.53 15.86
C2 NAG B . 5.60 -6.66 16.82
C3 NAG B . 5.46 -5.69 17.99
C4 NAG B . 5.34 -4.29 17.42
C5 NAG B . 4.20 -4.18 16.40
C6 NAG B . 4.22 -2.78 15.79
C7 NAG B . 6.70 -8.84 16.81
C8 NAG B . 7.40 -9.79 17.74
N2 NAG B . 5.81 -8.00 17.35
O3 NAG B . 6.57 -5.74 18.86
O4 NAG B . 5.15 -3.40 18.49
O5 NAG B . 4.30 -5.18 15.40
O6 NAG B . 5.35 -2.68 14.94
O7 NAG B . 6.96 -8.87 15.61
C1 FUC B . 6.06 -1.43 15.11
C2 FUC B . 7.42 -1.54 14.40
C3 FUC B . 7.26 -1.41 12.88
C4 FUC B . 6.32 -0.28 12.44
C5 FUC B . 5.02 -0.34 13.26
C6 FUC B . 4.06 0.79 12.95
O2 FUC B . 8.08 -2.77 14.68
O3 FUC B . 8.56 -1.22 12.36
O4 FUC B . 6.93 0.97 12.69
O5 FUC B . 5.33 -0.30 14.65
C1 NAG C . -13.58 15.73 -6.21
C2 NAG C . -14.45 16.96 -5.94
C3 NAG C . -15.56 16.67 -4.91
C4 NAG C . -16.33 15.38 -5.24
C5 NAG C . -15.33 14.25 -5.49
C6 NAG C . -16.04 12.94 -5.85
C7 NAG C . -13.59 19.24 -6.22
C8 NAG C . -13.65 19.27 -7.73
N2 NAG C . -13.62 18.09 -5.55
O3 NAG C . -16.52 17.72 -4.83
O4 NAG C . -17.23 15.10 -4.19
O5 NAG C . -14.42 14.63 -6.51
O6 NAG C . -15.98 12.69 -7.24
O7 NAG C . -13.49 20.31 -5.63
C1 FUC C . -16.79 11.52 -7.53
C2 FUC C . -17.92 11.86 -8.51
C3 FUC C . -17.46 11.82 -9.97
C4 FUC C . -16.73 10.50 -10.25
C5 FUC C . -15.55 10.38 -9.27
C6 FUC C . -14.72 9.12 -9.54
O2 FUC C . -18.47 13.13 -8.20
O3 FUC C . -18.53 11.98 -10.88
O4 FUC C . -17.62 9.42 -10.11
O5 FUC C . -16.04 10.38 -7.92
C1 NAG D . 6.91 -1.80 19.25
C2 NAG D . 5.70 -1.05 19.77
C3 NAG D . 6.17 -0.31 21.01
C4 NAG D . 6.69 -1.32 22.05
C5 NAG D . 7.48 -2.52 21.47
C6 NAG D . 7.23 -3.74 22.36
C7 NAG D . 3.85 -0.08 18.47
C8 NAG D . 3.48 0.94 17.44
N2 NAG D . 5.15 -0.18 18.74
O3 NAG D . 5.12 0.47 21.54
O4 NAG D . 7.48 -0.65 23.02
O5 NAG D . 7.13 -2.88 20.14
O6 NAG D . 8.25 -4.69 22.23
O7 NAG D . 2.98 -0.78 19.00
C1 IUY E . -1.04 -8.78 -10.02
C2 IUY E . 0.22 -9.37 -10.61
C3 IUY E . -1.40 -8.98 -8.71
N4 IUY E . -0.63 -9.72 -7.83
C5 IUY E . -2.68 -8.37 -8.17
C6 IUY E . 1.30 -8.33 -10.79
C7 IUY E . 1.80 -7.99 -12.06
C8 IUY E . 2.80 -7.03 -12.20
C9 IUY E . 3.34 -6.39 -11.05
C10 IUY E . 2.86 -6.75 -9.80
C11 IUY E . 1.86 -7.71 -9.65
C12 IUY E . -1.84 -8.01 -10.91
O13 IUY E . -2.88 -7.46 -10.57
O14 IUY E . -1.40 -7.86 -12.19
C15 IUY E . -2.03 -6.82 -12.97
C16 IUY E . -1.25 -6.55 -14.27
C17 IUY E . 4.37 -5.43 -11.16
N18 IUY E . 5.22 -4.68 -11.25
N19 IUY E . 0.80 -10.33 -9.67
C20 IUY E . 0.40 -10.46 -8.36
N21 IUY E . 1.14 -11.36 -7.77
C22 IUY E . 2.04 -11.84 -8.65
C23 IUY E . 1.85 -11.20 -9.84
C24 IUY E . -0.80 -9.76 -6.43
C25 IUY E . -1.55 -10.78 -5.84
C26 IUY E . -1.73 -10.83 -4.48
C27 IUY E . -1.13 -9.86 -3.68
C28 IUY E . -0.37 -8.84 -4.23
C29 IUY E . -0.19 -8.79 -5.61
C30 IUY E . 0.29 -7.81 -3.35
F31 IUY E . -0.44 -7.53 -2.21
F32 IUY E . 1.54 -8.26 -2.95
F33 IUY E . 0.42 -6.63 -4.05
#